data_2CY6
#
_entry.id   2CY6
#
_cell.length_a   67.033
_cell.length_b   97.332
_cell.length_c   71.086
_cell.angle_alpha   90.00
_cell.angle_beta   90.00
_cell.angle_gamma   90.00
#
_symmetry.space_group_name_H-M   'P 21 21 2'
#
loop_
_entity.id
_entity.type
_entity.pdbx_description
1 polymer Lectin
2 branched alpha-D-glucopyranose-(1-1)-alpha-D-glucopyranose
3 non-polymer 'MANGANESE (II) ION'
4 non-polymer 'CALCIUM ION'
5 water water
#
_entity_poly.entity_id   1
_entity_poly.type   'polypeptide(L)'
_entity_poly.pdbx_seq_one_letter_code
;ADTIVAVELDTYPNTDIGDPSYPHIGIDIKSVRSKKTAKWNMQNGKVGTAHIIYNSVGKRLSAVVSYPNGDSATVSYDVD
LDNVLPEWVRVGLSASTGLYKETNTILSWSFTSKLKSNSTHETNALHFVFNQFSKDQKDLILQGDATTGTDGNLELTRVS
SNGSPQGSSVGRALFYAPVHIWESSAVVASFDATFTFLIKSSDSHPADGIAFFISNIDSSIPSGSTGRLLGLFPDAN
;
_entity_poly.pdbx_strand_id   A,D
#
# COMPACT_ATOMS: atom_id res chain seq x y z
N ALA A 1 22.09 -4.01 -13.37
CA ALA A 1 21.07 -5.04 -12.95
C ALA A 1 20.30 -4.57 -11.70
N ASP A 2 19.10 -5.14 -11.52
CA ASP A 2 18.28 -4.94 -10.33
C ASP A 2 19.03 -5.40 -9.12
N THR A 3 18.59 -4.96 -7.94
CA THR A 3 19.06 -5.54 -6.70
C THR A 3 17.97 -6.45 -6.16
N ILE A 4 18.32 -7.68 -5.86
CA ILE A 4 17.38 -8.66 -5.44
C ILE A 4 17.78 -9.26 -4.07
N VAL A 5 16.79 -9.28 -3.21
CA VAL A 5 16.80 -10.17 -2.04
C VAL A 5 15.57 -11.04 -2.19
N ALA A 6 15.72 -12.33 -1.99
CA ALA A 6 14.62 -13.23 -2.26
C ALA A 6 14.69 -14.40 -1.36
N VAL A 7 13.50 -14.96 -1.10
CA VAL A 7 13.37 -16.25 -0.50
C VAL A 7 12.84 -17.16 -1.59
N GLU A 8 13.64 -18.13 -1.99
CA GLU A 8 13.25 -19.00 -3.04
C GLU A 8 12.74 -20.31 -2.45
N LEU A 9 11.70 -20.75 -3.10
CA LEU A 9 11.16 -22.07 -2.96
C LEU A 9 11.55 -22.75 -4.25
N ASP A 10 12.64 -23.50 -4.20
CA ASP A 10 13.25 -23.98 -5.42
C ASP A 10 12.94 -25.45 -5.57
N THR A 11 12.12 -25.70 -6.58
CA THR A 11 11.56 -27.03 -6.71
C THR A 11 12.45 -27.89 -7.58
N TYR A 12 13.39 -27.27 -8.29
CA TYR A 12 14.25 -27.97 -9.19
C TYR A 12 15.72 -27.80 -8.85
N PRO A 13 16.39 -28.85 -8.41
CA PRO A 13 17.80 -28.75 -8.07
C PRO A 13 18.66 -28.61 -9.34
N ASN A 14 19.20 -27.42 -9.57
CA ASN A 14 20.15 -27.16 -10.64
C ASN A 14 21.53 -27.22 -10.00
N THR A 15 22.03 -28.43 -9.83
CA THR A 15 23.26 -28.67 -9.04
C THR A 15 24.47 -28.03 -9.71
N ASP A 16 24.36 -27.83 -11.01
CA ASP A 16 25.36 -27.14 -11.79
C ASP A 16 25.48 -25.64 -11.55
N ILE A 17 24.50 -25.01 -10.87
CA ILE A 17 24.67 -23.62 -10.41
C ILE A 17 24.59 -23.46 -8.89
N GLY A 18 24.93 -24.51 -8.14
CA GLY A 18 25.04 -24.41 -6.70
C GLY A 18 23.83 -24.83 -5.94
N ASP A 19 22.73 -25.20 -6.59
CA ASP A 19 21.65 -25.77 -5.83
C ASP A 19 22.12 -27.02 -5.15
N PRO A 20 21.57 -27.31 -3.98
CA PRO A 20 21.78 -28.60 -3.41
C PRO A 20 21.04 -29.57 -4.28
N SER A 21 21.24 -30.84 -3.98
CA SER A 21 20.89 -31.88 -4.92
C SER A 21 19.45 -32.32 -4.67
N TYR A 22 18.67 -31.42 -4.06
CA TYR A 22 17.31 -31.67 -3.71
C TYR A 22 16.56 -30.33 -3.87
N PRO A 23 15.23 -30.41 -3.94
CA PRO A 23 14.40 -29.19 -3.77
C PRO A 23 14.64 -28.57 -2.40
N HIS A 24 14.61 -27.27 -2.36
CA HIS A 24 15.12 -26.57 -1.20
C HIS A 24 14.45 -25.22 -1.18
N ILE A 25 14.47 -24.64 0.00
CA ILE A 25 14.22 -23.27 0.14
C ILE A 25 15.54 -22.59 0.37
N GLY A 26 15.64 -21.38 -0.08
CA GLY A 26 16.85 -20.68 0.04
C GLY A 26 16.68 -19.21 0.20
N ILE A 27 17.73 -18.59 0.76
CA ILE A 27 17.82 -17.13 0.83
C ILE A 27 18.82 -16.59 -0.19
N ASP A 28 18.33 -15.67 -1.01
CA ASP A 28 19.08 -15.18 -2.17
C ASP A 28 19.35 -13.72 -1.96
N ILE A 29 20.61 -13.36 -1.85
CA ILE A 29 21.00 -11.97 -1.74
C ILE A 29 21.86 -11.70 -2.93
N LYS A 30 21.28 -11.06 -3.93
CA LYS A 30 21.97 -10.59 -5.08
C LYS A 30 22.47 -11.73 -5.98
N SER A 31 21.99 -12.94 -5.76
CA SER A 31 22.42 -14.05 -6.57
C SER A 31 21.41 -15.15 -6.43
N VAL A 32 21.21 -15.88 -7.53
CA VAL A 32 20.42 -17.09 -7.50
C VAL A 32 21.08 -18.18 -6.67
N ARG A 33 22.40 -18.04 -6.45
CA ARG A 33 23.09 -19.00 -5.67
C ARG A 33 22.90 -18.59 -4.24
N SER A 34 21.97 -19.27 -3.59
CA SER A 34 21.47 -18.95 -2.28
C SER A 34 22.65 -18.93 -1.31
N LYS A 35 22.66 -17.93 -0.44
CA LYS A 35 23.60 -17.85 0.62
C LYS A 35 23.34 -18.93 1.59
N LYS A 36 22.09 -19.39 1.65
CA LYS A 36 21.72 -20.40 2.60
C LYS A 36 20.55 -21.19 2.03
N THR A 37 20.53 -22.49 2.22
CA THR A 37 19.42 -23.31 1.81
C THR A 37 19.05 -24.33 2.83
N ALA A 38 17.88 -24.89 2.63
CA ALA A 38 17.49 -26.01 3.41
C ALA A 38 16.70 -26.89 2.52
N LYS A 39 16.77 -28.17 2.85
CA LYS A 39 16.11 -29.18 2.11
C LYS A 39 14.62 -28.97 2.30
N TRP A 40 13.92 -28.94 1.17
CA TRP A 40 12.50 -28.73 1.17
C TRP A 40 11.79 -29.80 0.32
N ASN A 41 10.82 -30.45 0.92
CA ASN A 41 9.97 -31.45 0.24
C ASN A 41 8.73 -30.73 -0.26
N MET A 42 8.78 -30.35 -1.53
CA MET A 42 7.66 -29.73 -2.16
C MET A 42 6.60 -30.84 -2.26
N GLN A 43 5.37 -30.53 -1.80
CA GLN A 43 4.28 -31.47 -1.81
C GLN A 43 3.35 -31.19 -2.98
N ASN A 44 3.47 -32.05 -3.96
CA ASN A 44 2.85 -31.81 -5.24
C ASN A 44 1.37 -31.68 -5.13
N GLY A 45 0.84 -30.57 -5.61
CA GLY A 45 -0.59 -30.36 -5.57
C GLY A 45 -1.17 -30.00 -4.21
N LYS A 46 -0.32 -29.75 -3.21
CA LYS A 46 -0.77 -29.40 -1.87
C LYS A 46 -0.57 -27.90 -1.71
N VAL A 47 -1.36 -27.26 -0.85
CA VAL A 47 -1.23 -25.86 -0.60
C VAL A 47 -0.17 -25.67 0.51
N GLY A 48 0.92 -25.01 0.15
CA GLY A 48 1.97 -24.66 1.09
C GLY A 48 1.82 -23.25 1.58
N THR A 49 2.56 -22.98 2.64
CA THR A 49 2.62 -21.62 3.19
C THR A 49 4.05 -21.26 3.47
N ALA A 50 4.40 -20.06 3.08
CA ALA A 50 5.70 -19.52 3.23
C ALA A 50 5.56 -18.30 4.10
N HIS A 51 6.34 -18.27 5.18
CA HIS A 51 6.51 -17.05 6.00
C HIS A 51 7.94 -16.59 5.96
N ILE A 52 8.14 -15.30 5.81
CA ILE A 52 9.45 -14.67 5.62
C ILE A 52 9.41 -13.57 6.67
N ILE A 53 10.49 -13.47 7.43
CA ILE A 53 10.60 -12.54 8.55
C ILE A 53 11.97 -11.94 8.52
N TYR A 54 12.03 -10.63 8.67
CA TYR A 54 13.29 -9.94 8.91
C TYR A 54 13.10 -8.70 9.81
N ASN A 55 14.06 -8.42 10.66
CA ASN A 55 14.10 -7.12 11.27
C ASN A 55 15.52 -6.67 11.38
N SER A 56 15.65 -5.36 11.43
CA SER A 56 16.92 -4.73 11.35
C SER A 56 17.69 -4.86 12.62
N VAL A 57 17.11 -5.48 13.66
CA VAL A 57 17.79 -5.52 14.97
C VAL A 57 18.54 -6.85 15.04
N GLY A 58 17.79 -7.91 14.86
CA GLY A 58 18.38 -9.26 14.78
C GLY A 58 19.19 -9.46 13.51
N LYS A 59 18.84 -8.72 12.45
CA LYS A 59 19.49 -8.79 11.17
C LYS A 59 19.54 -10.21 10.67
N ARG A 60 18.41 -10.89 10.70
CA ARG A 60 18.37 -12.26 10.26
C ARG A 60 17.15 -12.45 9.39
N LEU A 61 17.40 -12.74 8.13
CA LEU A 61 16.33 -13.09 7.23
C LEU A 61 15.97 -14.57 7.44
N SER A 62 14.72 -14.82 7.81
CA SER A 62 14.23 -16.12 8.08
C SER A 62 13.07 -16.45 7.20
N ALA A 63 12.92 -17.72 6.86
CA ALA A 63 11.74 -18.22 6.16
C ALA A 63 11.42 -19.61 6.58
N VAL A 64 10.16 -19.93 6.58
CA VAL A 64 9.71 -21.29 6.81
C VAL A 64 8.66 -21.54 5.78
N VAL A 65 8.60 -22.77 5.29
CA VAL A 65 7.62 -23.17 4.27
C VAL A 65 7.03 -24.40 4.85
N SER A 66 5.71 -24.46 4.91
CA SER A 66 5.11 -25.62 5.49
C SER A 66 3.90 -26.04 4.69
N TYR A 67 3.47 -27.26 4.96
CA TYR A 67 2.30 -27.81 4.34
C TYR A 67 1.40 -28.31 5.42
N PRO A 68 0.14 -28.56 5.06
CA PRO A 68 -0.89 -28.98 6.04
C PRO A 68 -0.56 -30.24 6.82
N ASN A 69 0.25 -31.15 6.28
CA ASN A 69 0.66 -32.36 7.02
C ASN A 69 1.66 -32.14 8.13
N GLY A 70 2.19 -30.94 8.16
CA GLY A 70 3.06 -30.49 9.23
C GLY A 70 4.48 -30.37 8.77
N ASP A 71 4.81 -30.89 7.61
CA ASP A 71 6.18 -30.78 7.15
C ASP A 71 6.53 -29.31 6.86
N SER A 72 7.78 -28.97 7.18
CA SER A 72 8.27 -27.66 7.30
C SER A 72 9.75 -27.64 6.98
N ALA A 73 10.18 -26.68 6.19
CA ALA A 73 11.56 -26.38 6.11
C ALA A 73 11.75 -24.93 6.45
N THR A 74 12.88 -24.67 7.09
CA THR A 74 13.24 -23.30 7.50
C THR A 74 14.65 -22.97 7.06
N VAL A 75 14.88 -21.72 6.75
CA VAL A 75 16.20 -21.28 6.41
C VAL A 75 16.33 -19.89 7.00
N SER A 76 17.46 -19.60 7.60
CA SER A 76 17.74 -18.28 8.12
C SER A 76 19.14 -17.89 7.67
N TYR A 77 19.31 -16.62 7.38
CA TYR A 77 20.59 -16.12 7.00
C TYR A 77 20.77 -14.77 7.62
N ASP A 78 21.93 -14.59 8.27
CA ASP A 78 22.28 -13.35 8.94
C ASP A 78 22.82 -12.39 7.93
N VAL A 79 22.11 -11.30 7.80
CA VAL A 79 22.49 -10.33 6.85
C VAL A 79 21.90 -9.00 7.25
N ASP A 80 22.64 -7.93 6.96
CA ASP A 80 22.21 -6.62 7.25
C ASP A 80 21.65 -6.03 5.94
N LEU A 81 20.35 -6.17 5.78
CA LEU A 81 19.71 -5.77 4.55
C LEU A 81 19.81 -4.28 4.20
N ASP A 82 20.09 -3.43 5.20
CA ASP A 82 20.45 -2.01 5.00
C ASP A 82 21.62 -1.84 4.09
N ASN A 83 22.55 -2.79 4.15
CA ASN A 83 23.68 -2.78 3.28
C ASN A 83 23.47 -3.39 1.92
N VAL A 84 22.24 -3.86 1.61
CA VAL A 84 22.01 -4.50 0.34
C VAL A 84 20.92 -3.87 -0.43
N LEU A 85 19.79 -3.60 0.22
CA LEU A 85 18.68 -3.00 -0.45
C LEU A 85 18.74 -1.49 -0.56
N PRO A 86 18.16 -0.96 -1.62
CA PRO A 86 17.92 0.44 -1.69
C PRO A 86 16.88 0.79 -0.65
N GLU A 87 16.85 2.05 -0.28
CA GLU A 87 15.95 2.51 0.73
C GLU A 87 14.50 2.23 0.35
N TRP A 88 14.15 2.47 -0.92
CA TRP A 88 12.82 2.18 -1.41
C TRP A 88 12.93 1.00 -2.33
N VAL A 89 11.93 0.13 -2.21
CA VAL A 89 11.91 -1.14 -2.91
C VAL A 89 10.53 -1.40 -3.43
N ARG A 90 10.38 -2.45 -4.23
CA ARG A 90 9.08 -3.02 -4.40
C ARG A 90 9.23 -4.44 -3.98
N VAL A 91 8.13 -5.03 -3.54
CA VAL A 91 8.16 -6.41 -3.05
C VAL A 91 7.27 -7.19 -3.96
N GLY A 92 7.62 -8.44 -4.17
CA GLY A 92 6.86 -9.20 -5.08
C GLY A 92 7.03 -10.65 -4.93
N LEU A 93 6.29 -11.31 -5.76
CA LEU A 93 6.39 -12.73 -5.89
C LEU A 93 6.78 -13.02 -7.34
N SER A 94 7.59 -14.07 -7.51
CA SER A 94 8.11 -14.40 -8.79
C SER A 94 8.04 -15.88 -8.95
N ALA A 95 7.90 -16.34 -10.19
CA ALA A 95 8.01 -17.78 -10.42
C ALA A 95 8.43 -18.07 -11.83
N SER A 96 8.97 -19.26 -12.00
CA SER A 96 9.37 -19.69 -13.31
C SER A 96 9.17 -21.15 -13.58
N THR A 97 9.08 -21.45 -14.87
CA THR A 97 9.28 -22.78 -15.37
C THR A 97 10.37 -22.77 -16.47
N GLY A 98 10.86 -23.94 -16.80
CA GLY A 98 11.83 -24.03 -17.88
C GLY A 98 11.44 -25.23 -18.74
N LEU A 99 12.31 -26.22 -18.78
CA LEU A 99 12.09 -27.47 -19.48
C LEU A 99 11.13 -28.33 -18.71
N TYR A 100 11.13 -28.17 -17.38
CA TYR A 100 10.14 -28.76 -16.56
C TYR A 100 9.24 -27.65 -16.01
N LYS A 101 8.08 -28.05 -15.58
CA LYS A 101 7.08 -27.06 -15.26
C LYS A 101 6.21 -27.49 -14.13
N GLU A 102 5.41 -26.55 -13.70
CA GLU A 102 4.58 -26.65 -12.55
C GLU A 102 3.70 -25.41 -12.55
N THR A 103 2.56 -25.54 -11.87
CA THR A 103 1.74 -24.39 -11.64
C THR A 103 2.48 -23.65 -10.55
N ASN A 104 2.42 -22.35 -10.62
CA ASN A 104 3.01 -21.49 -9.58
C ASN A 104 1.94 -20.55 -9.08
N THR A 105 1.00 -21.18 -8.41
CA THR A 105 -0.23 -20.54 -8.06
C THR A 105 -0.07 -19.99 -6.67
N ILE A 106 -0.40 -18.72 -6.53
CA ILE A 106 -0.47 -18.03 -5.24
C ILE A 106 -1.93 -17.83 -4.89
N LEU A 107 -2.27 -18.30 -3.70
CA LEU A 107 -3.62 -18.21 -3.22
C LEU A 107 -3.79 -17.02 -2.30
N SER A 108 -2.69 -16.57 -1.71
CA SER A 108 -2.73 -15.47 -0.74
C SER A 108 -1.35 -14.95 -0.60
N TRP A 109 -1.30 -13.69 -0.26
CA TRP A 109 -0.05 -13.00 -0.06
C TRP A 109 -0.29 -11.79 0.87
N SER A 110 0.43 -11.74 1.97
CA SER A 110 0.45 -10.58 2.86
C SER A 110 1.87 -10.13 3.04
N PHE A 111 2.00 -8.86 3.37
CA PHE A 111 3.26 -8.22 3.57
C PHE A 111 3.07 -7.07 4.56
N THR A 112 4.04 -6.93 5.47
CA THR A 112 4.09 -5.84 6.41
C THR A 112 5.49 -5.33 6.50
N SER A 113 5.68 -4.03 6.29
CA SER A 113 6.90 -3.40 6.67
C SER A 113 6.60 -2.30 7.64
N LYS A 114 7.55 -2.05 8.51
CA LYS A 114 7.45 -1.07 9.56
C LYS A 114 8.77 -0.45 9.73
N LEU A 115 8.75 0.85 9.87
CA LEU A 115 9.92 1.60 10.31
C LEU A 115 9.50 2.21 11.65
N LYS A 116 10.14 1.80 12.73
CA LYS A 116 9.80 2.29 14.05
C LYS A 116 10.88 3.17 14.55
N SER A 117 10.52 4.11 15.40
CA SER A 117 11.44 5.15 15.73
C SER A 117 11.74 5.43 17.17
N ASN A 118 12.74 6.32 17.26
CA ASN A 118 13.30 6.97 18.45
C ASN A 118 12.29 7.58 19.38
N SER A 119 11.03 7.14 19.31
CA SER A 119 9.99 7.74 20.12
C SER A 119 9.17 6.67 20.84
N THR A 120 8.17 6.09 20.20
CA THR A 120 7.12 5.39 20.96
C THR A 120 6.59 4.21 20.17
N HIS A 121 5.54 4.51 19.41
CA HIS A 121 4.86 3.56 18.56
C HIS A 121 4.52 4.30 17.27
N GLU A 122 5.05 5.54 17.20
CA GLU A 122 5.18 6.30 15.97
C GLU A 122 6.10 5.54 14.96
N THR A 123 5.44 5.17 13.88
CA THR A 123 5.85 4.11 13.07
C THR A 123 5.31 4.56 11.74
N ASN A 124 6.11 4.29 10.70
CA ASN A 124 5.64 4.17 9.37
C ASN A 124 5.44 2.69 9.04
N ALA A 125 4.35 2.41 8.38
CA ALA A 125 3.98 0.99 8.09
C ALA A 125 3.25 0.90 6.81
N LEU A 126 3.56 -0.15 6.08
CA LEU A 126 2.73 -0.62 5.01
C LEU A 126 2.31 -2.04 5.35
N HIS A 127 1.02 -2.32 5.22
CA HIS A 127 0.55 -3.69 5.35
C HIS A 127 -0.41 -3.93 4.22
N PHE A 128 -0.20 -5.00 3.47
CA PHE A 128 -1.25 -5.44 2.62
C PHE A 128 -1.48 -6.88 2.77
N VAL A 129 -2.69 -7.25 2.47
CA VAL A 129 -2.98 -8.63 2.37
C VAL A 129 -3.97 -8.96 1.27
N PHE A 130 -3.64 -9.99 0.52
CA PHE A 130 -4.52 -10.53 -0.52
C PHE A 130 -4.80 -11.94 -0.15
N ASN A 131 -6.05 -12.19 0.20
CA ASN A 131 -6.52 -13.58 0.34
C ASN A 131 -7.28 -14.02 -0.86
N GLN A 132 -7.66 -13.06 -1.73
CA GLN A 132 -8.24 -13.37 -3.02
C GLN A 132 -7.73 -12.36 -4.02
N PHE A 133 -7.37 -12.80 -5.20
CA PHE A 133 -6.95 -11.88 -6.23
C PHE A 133 -8.08 -11.72 -7.22
N SER A 134 -8.25 -10.51 -7.70
CA SER A 134 -9.20 -10.19 -8.72
C SER A 134 -8.51 -10.28 -10.07
N LYS A 135 -9.31 -10.49 -11.09
CA LYS A 135 -8.90 -10.31 -12.50
C LYS A 135 -8.21 -8.99 -12.78
N ASP A 136 -8.70 -7.93 -12.19
CA ASP A 136 -8.08 -6.63 -12.42
C ASP A 136 -7.58 -6.17 -11.06
N GLN A 137 -6.49 -6.76 -10.62
CA GLN A 137 -5.97 -6.47 -9.29
C GLN A 137 -5.12 -5.21 -9.45
N LYS A 138 -5.72 -4.05 -9.28
CA LYS A 138 -5.08 -2.83 -9.70
C LYS A 138 -3.91 -2.44 -8.83
N ASP A 139 -3.85 -3.02 -7.66
CA ASP A 139 -2.72 -2.80 -6.76
C ASP A 139 -1.58 -3.80 -6.88
N LEU A 140 -1.64 -4.65 -7.89
CA LEU A 140 -0.51 -5.46 -8.31
C LEU A 140 0.02 -5.07 -9.70
N ILE A 141 1.32 -5.00 -9.80
CA ILE A 141 1.99 -4.88 -11.07
C ILE A 141 2.34 -6.30 -11.48
N LEU A 142 1.66 -6.79 -12.51
CA LEU A 142 1.93 -8.09 -13.09
C LEU A 142 3.00 -7.98 -14.14
N GLN A 143 3.98 -8.84 -14.04
CA GLN A 143 5.01 -8.86 -15.03
C GLN A 143 5.06 -10.23 -15.69
N GLY A 144 5.56 -10.25 -16.93
CA GLY A 144 5.75 -11.46 -17.70
C GLY A 144 4.46 -12.23 -17.80
N ASP A 145 4.52 -13.49 -17.43
CA ASP A 145 3.35 -14.37 -17.61
C ASP A 145 2.31 -14.30 -16.49
N ALA A 146 2.55 -13.47 -15.48
CA ALA A 146 1.67 -13.51 -14.31
C ALA A 146 0.32 -13.00 -14.67
N THR A 147 -0.70 -13.66 -14.14
CA THR A 147 -2.05 -13.20 -14.29
C THR A 147 -2.78 -13.41 -12.99
N THR A 148 -3.86 -12.66 -12.82
CA THR A 148 -4.79 -12.90 -11.74
C THR A 148 -6.09 -13.36 -12.33
N GLY A 149 -6.75 -14.22 -11.58
CA GLY A 149 -7.84 -15.01 -12.17
C GLY A 149 -9.18 -14.72 -11.55
N THR A 150 -10.18 -15.38 -12.10
CA THR A 150 -11.51 -15.39 -11.53
C THR A 150 -11.56 -16.43 -10.42
N ASP A 151 -10.59 -17.36 -10.41
CA ASP A 151 -10.51 -18.38 -9.34
C ASP A 151 -9.95 -17.75 -8.05
N GLY A 152 -9.67 -16.47 -8.11
CA GLY A 152 -9.21 -15.74 -6.97
C GLY A 152 -7.72 -15.94 -6.72
N ASN A 153 -7.04 -16.54 -7.71
CA ASN A 153 -5.64 -16.81 -7.52
C ASN A 153 -4.71 -15.99 -8.38
N LEU A 154 -3.45 -16.00 -7.98
CA LEU A 154 -2.43 -15.35 -8.75
C LEU A 154 -1.65 -16.46 -9.42
N GLU A 155 -1.68 -16.51 -10.73
CA GLU A 155 -0.93 -17.54 -11.46
C GLU A 155 0.34 -16.89 -11.90
N LEU A 156 1.44 -17.25 -11.28
CA LEU A 156 2.67 -16.48 -11.57
C LEU A 156 3.25 -16.81 -12.97
N THR A 157 3.12 -18.10 -13.34
CA THR A 157 3.58 -18.59 -14.64
C THR A 157 2.39 -19.09 -15.46
N ARG A 158 2.63 -19.29 -16.73
CA ARG A 158 1.51 -19.49 -17.65
C ARG A 158 0.92 -20.86 -17.36
N VAL A 159 -0.41 -20.86 -17.35
CA VAL A 159 -1.23 -22.05 -17.24
C VAL A 159 -2.19 -22.04 -18.46
N SER A 160 -2.31 -23.16 -19.15
CA SER A 160 -3.22 -23.19 -20.32
C SER A 160 -4.64 -23.28 -19.84
N SER A 161 -5.57 -23.10 -20.78
CA SER A 161 -7.00 -23.11 -20.46
C SER A 161 -7.37 -24.46 -19.86
N ASN A 162 -6.73 -25.53 -20.33
CA ASN A 162 -7.01 -26.85 -19.76
C ASN A 162 -6.50 -27.03 -18.35
N GLY A 163 -5.78 -26.04 -17.79
CA GLY A 163 -5.28 -26.05 -16.41
C GLY A 163 -3.82 -26.50 -16.32
N SER A 164 -3.22 -26.84 -17.45
CA SER A 164 -1.87 -27.35 -17.44
C SER A 164 -0.83 -26.23 -17.39
N PRO A 165 0.18 -26.39 -16.53
CA PRO A 165 1.30 -25.44 -16.53
C PRO A 165 2.07 -25.47 -17.85
N GLN A 166 2.70 -24.36 -18.19
CA GLN A 166 3.54 -24.32 -19.35
C GLN A 166 4.98 -24.14 -18.93
N GLY A 167 5.89 -24.60 -19.79
CA GLY A 167 7.31 -24.45 -19.59
C GLY A 167 7.73 -23.11 -20.08
N SER A 168 9.01 -22.82 -19.89
CA SER A 168 9.66 -21.55 -20.27
C SER A 168 8.80 -20.37 -19.95
N SER A 169 8.27 -20.35 -18.73
CA SER A 169 7.33 -19.30 -18.36
C SER A 169 8.01 -18.60 -17.24
N VAL A 170 7.77 -17.29 -17.17
CA VAL A 170 8.24 -16.52 -16.07
C VAL A 170 7.22 -15.44 -15.78
N GLY A 171 6.98 -15.17 -14.51
CA GLY A 171 6.11 -14.06 -14.19
C GLY A 171 6.27 -13.61 -12.75
N ARG A 172 5.90 -12.37 -12.53
CA ARG A 172 5.95 -11.82 -11.17
C ARG A 172 4.81 -10.91 -10.91
N ALA A 173 4.59 -10.68 -9.63
CA ALA A 173 3.60 -9.72 -9.18
C ALA A 173 4.26 -8.90 -8.10
N LEU A 174 4.26 -7.59 -8.28
CA LEU A 174 4.83 -6.68 -7.31
C LEU A 174 3.69 -5.85 -6.75
N PHE A 175 3.79 -5.51 -5.49
CA PHE A 175 2.83 -4.64 -4.94
C PHE A 175 3.05 -3.29 -5.62
N TYR A 176 1.96 -2.59 -5.83
CA TYR A 176 2.02 -1.38 -6.65
C TYR A 176 2.85 -0.29 -6.03
N ALA A 177 2.67 -0.07 -4.74
CA ALA A 177 3.37 1.01 -4.07
C ALA A 177 4.77 0.53 -3.74
N PRO A 178 5.74 1.43 -3.92
CA PRO A 178 7.03 1.21 -3.37
C PRO A 178 6.89 1.13 -1.86
N VAL A 179 7.85 0.46 -1.29
CA VAL A 179 7.95 0.27 0.09
C VAL A 179 9.23 0.89 0.59
N HIS A 180 9.09 1.59 1.70
CA HIS A 180 10.22 2.17 2.37
C HIS A 180 10.83 1.18 3.30
N ILE A 181 11.88 0.51 2.85
CA ILE A 181 12.27 -0.72 3.51
C ILE A 181 13.23 -0.50 4.67
N TRP A 182 14.00 0.58 4.57
CA TRP A 182 14.77 1.08 5.66
C TRP A 182 14.79 2.59 5.61
N GLU A 183 15.13 3.21 6.71
CA GLU A 183 15.17 4.66 6.75
C GLU A 183 16.12 4.89 7.89
N SER A 184 17.10 5.77 7.68
CA SER A 184 18.24 5.85 8.59
C SER A 184 17.85 6.24 9.98
N SER A 185 16.78 6.99 10.08
CA SER A 185 16.25 7.49 11.33
C SER A 185 15.65 6.37 12.19
N ALA A 186 15.26 5.27 11.57
CA ALA A 186 14.40 4.30 12.29
C ALA A 186 15.28 3.42 13.13
N VAL A 187 14.75 3.07 14.29
CA VAL A 187 15.40 2.23 15.23
C VAL A 187 15.20 0.77 14.82
N VAL A 188 14.01 0.47 14.34
CA VAL A 188 13.69 -0.84 13.83
C VAL A 188 13.03 -0.72 12.49
N ALA A 189 13.51 -1.51 11.55
CA ALA A 189 12.87 -1.69 10.27
C ALA A 189 12.65 -3.19 10.18
N SER A 190 11.43 -3.57 9.93
CA SER A 190 11.10 -4.98 9.94
C SER A 190 10.23 -5.20 8.75
N PHE A 191 10.28 -6.40 8.21
CA PHE A 191 9.21 -6.81 7.32
C PHE A 191 8.89 -8.25 7.51
N ASP A 192 7.69 -8.56 7.10
CA ASP A 192 7.27 -9.89 7.04
C ASP A 192 6.38 -10.14 5.87
N ALA A 193 6.39 -11.38 5.42
CA ALA A 193 5.60 -11.73 4.26
C ALA A 193 5.19 -13.10 4.46
N THR A 194 3.99 -13.35 4.00
CA THR A 194 3.43 -14.69 4.03
C THR A 194 2.80 -14.86 2.68
N PHE A 195 2.96 -16.03 2.09
CA PHE A 195 2.13 -16.35 0.98
C PHE A 195 1.80 -17.82 0.97
N THR A 196 0.66 -18.11 0.38
CA THR A 196 0.29 -19.49 0.20
C THR A 196 0.26 -19.80 -1.28
N PHE A 197 0.60 -21.02 -1.59
CA PHE A 197 0.95 -21.43 -2.94
C PHE A 197 0.53 -22.85 -3.16
N LEU A 198 0.33 -23.16 -4.41
CA LEU A 198 -0.04 -24.49 -4.79
C LEU A 198 0.78 -24.76 -6.03
N ILE A 199 1.77 -25.59 -5.85
CA ILE A 199 2.65 -26.00 -6.93
C ILE A 199 2.15 -27.40 -7.27
N LYS A 200 1.59 -27.52 -8.48
CA LYS A 200 1.22 -28.81 -8.99
C LYS A 200 2.00 -29.06 -10.30
N SER A 201 2.45 -30.30 -10.45
CA SER A 201 3.06 -30.74 -11.68
C SER A 201 2.70 -32.18 -11.97
N SER A 202 2.56 -32.48 -13.25
CA SER A 202 2.56 -33.89 -13.68
C SER A 202 3.79 -34.17 -14.55
N ASP A 203 4.76 -33.26 -14.55
CA ASP A 203 6.03 -33.53 -15.20
C ASP A 203 6.89 -34.60 -14.50
N SER A 204 7.87 -35.10 -15.27
CA SER A 204 8.92 -35.93 -14.76
C SER A 204 9.51 -35.32 -13.52
N HIS A 205 9.62 -34.00 -13.50
CA HIS A 205 10.06 -33.29 -12.30
C HIS A 205 9.44 -31.94 -12.30
N PRO A 206 8.95 -31.42 -11.15
CA PRO A 206 8.46 -30.02 -11.17
C PRO A 206 9.67 -29.12 -11.32
N ALA A 207 9.42 -27.94 -11.84
CA ALA A 207 10.38 -26.83 -11.87
C ALA A 207 9.60 -25.59 -12.23
N ASP A 208 10.11 -24.38 -11.90
CA ASP A 208 11.37 -24.17 -11.15
C ASP A 208 11.27 -23.66 -9.70
N GLY A 209 10.15 -23.05 -9.39
CA GLY A 209 9.92 -22.58 -8.02
C GLY A 209 9.28 -21.22 -7.99
N ILE A 210 9.11 -20.73 -6.77
CA ILE A 210 8.45 -19.48 -6.45
C ILE A 210 9.44 -18.76 -5.51
N ALA A 211 9.57 -17.48 -5.70
CA ALA A 211 10.28 -16.60 -4.80
C ALA A 211 9.41 -15.45 -4.32
N PHE A 212 9.52 -15.13 -3.06
CA PHE A 212 9.21 -13.79 -2.57
C PHE A 212 10.50 -12.97 -2.74
N PHE A 213 10.37 -11.75 -3.26
CA PHE A 213 11.53 -10.97 -3.43
C PHE A 213 11.28 -9.53 -3.12
N ILE A 214 12.37 -8.83 -2.92
CA ILE A 214 12.37 -7.43 -2.74
C ILE A 214 13.40 -6.90 -3.71
N SER A 215 13.01 -5.86 -4.38
CA SER A 215 13.83 -5.36 -5.43
C SER A 215 13.86 -3.86 -5.42
N ASN A 216 14.83 -3.27 -6.12
CA ASN A 216 14.65 -1.92 -6.63
C ASN A 216 13.24 -1.69 -7.19
N ILE A 217 12.76 -0.45 -7.01
CA ILE A 217 11.36 -0.13 -7.31
C ILE A 217 11.03 -0.40 -8.77
N ASP A 218 11.99 -0.19 -9.67
CA ASP A 218 11.75 -0.31 -11.09
C ASP A 218 12.20 -1.67 -11.60
N SER A 219 12.25 -2.67 -10.73
CA SER A 219 12.62 -4.01 -11.19
C SER A 219 11.66 -4.57 -12.28
N SER A 220 12.22 -5.16 -13.32
CA SER A 220 11.50 -5.91 -14.33
C SER A 220 12.12 -7.32 -14.42
N ILE A 221 11.44 -8.23 -15.06
CA ILE A 221 11.99 -9.57 -15.18
C ILE A 221 13.24 -9.48 -16.02
N PRO A 222 14.39 -9.90 -15.56
CA PRO A 222 15.56 -9.91 -16.43
C PRO A 222 15.31 -10.81 -17.63
N SER A 223 15.76 -10.37 -18.78
CA SER A 223 15.64 -11.14 -20.00
C SER A 223 16.18 -12.54 -19.82
N GLY A 224 15.44 -13.52 -20.30
CA GLY A 224 15.91 -14.91 -20.20
C GLY A 224 16.01 -15.45 -18.79
N SER A 225 15.17 -14.94 -17.86
CA SER A 225 15.24 -15.43 -16.47
C SER A 225 14.14 -16.49 -16.19
N THR A 226 13.83 -17.33 -17.18
CA THR A 226 12.93 -18.45 -17.00
C THR A 226 13.78 -19.48 -16.38
N GLY A 227 13.20 -20.65 -16.15
CA GLY A 227 13.94 -21.73 -15.56
C GLY A 227 14.55 -21.46 -14.20
N ARG A 228 15.80 -21.90 -14.09
CA ARG A 228 16.44 -21.91 -12.79
C ARG A 228 16.71 -20.49 -12.20
N LEU A 229 16.52 -19.46 -12.99
CA LEU A 229 16.76 -18.07 -12.56
C LEU A 229 15.54 -17.37 -11.94
N LEU A 230 14.41 -18.06 -11.96
CA LEU A 230 13.23 -17.78 -11.10
C LEU A 230 12.60 -16.45 -11.35
N GLY A 231 12.94 -15.87 -12.50
CA GLY A 231 12.51 -14.56 -12.87
C GLY A 231 13.14 -13.43 -12.08
N LEU A 232 14.14 -13.76 -11.30
CA LEU A 232 14.80 -12.79 -10.42
C LEU A 232 16.15 -12.26 -10.89
N PHE A 233 16.90 -13.08 -11.64
CA PHE A 233 18.29 -12.75 -11.99
C PHE A 233 18.61 -12.90 -13.48
N PRO A 234 19.53 -12.08 -13.99
CA PRO A 234 19.91 -12.16 -15.41
C PRO A 234 20.80 -13.34 -15.69
N ASP A 235 21.45 -13.88 -14.67
CA ASP A 235 22.34 -14.98 -14.86
C ASP A 235 22.45 -15.69 -13.55
N ALA A 236 23.18 -16.79 -13.59
CA ALA A 236 23.31 -17.70 -12.49
C ALA A 236 24.57 -17.49 -11.65
N ASN A 237 25.14 -16.29 -11.71
CA ASN A 237 26.34 -15.95 -10.98
C ASN A 237 26.08 -15.83 -9.49
N ALA B 1 -16.15 14.30 -14.67
CA ALA B 1 -15.25 14.79 -13.60
C ALA B 1 -14.94 13.62 -12.63
N ASP B 2 -14.02 13.84 -11.71
CA ASP B 2 -13.67 12.81 -10.71
C ASP B 2 -14.89 12.47 -9.88
N THR B 3 -14.89 11.33 -9.21
CA THR B 3 -15.86 11.04 -8.17
C THR B 3 -15.16 11.26 -6.83
N ILE B 4 -15.74 12.06 -5.96
CA ILE B 4 -15.13 12.40 -4.69
C ILE B 4 -16.07 12.15 -3.52
N VAL B 5 -15.55 11.40 -2.56
CA VAL B 5 -16.15 11.35 -1.25
C VAL B 5 -15.05 11.98 -0.41
N ALA B 6 -15.38 12.99 0.38
CA ALA B 6 -14.39 13.64 1.26
C ALA B 6 -14.95 13.97 2.59
N VAL B 7 -14.05 14.05 3.57
CA VAL B 7 -14.37 14.62 4.86
C VAL B 7 -13.56 15.90 4.92
N GLU B 8 -14.25 17.02 5.02
CA GLU B 8 -13.60 18.31 4.97
C GLU B 8 -13.51 18.89 6.35
N LEU B 9 -12.37 19.45 6.60
CA LEU B 9 -12.11 20.32 7.74
C LEU B 9 -12.06 21.74 7.14
N ASP B 10 -13.22 22.38 7.14
CA ASP B 10 -13.44 23.57 6.37
C ASP B 10 -13.33 24.75 7.34
N THR B 11 -12.23 25.46 7.21
CA THR B 11 -11.91 26.49 8.14
C THR B 11 -12.57 27.83 7.72
N TYR B 12 -13.03 27.94 6.48
CA TYR B 12 -13.60 29.17 5.97
C TYR B 12 -15.04 29.01 5.42
N PRO B 13 -16.02 29.70 6.02
CA PRO B 13 -17.42 29.65 5.56
C PRO B 13 -17.61 30.38 4.25
N ASN B 14 -18.00 29.64 3.22
CA ASN B 14 -18.33 30.21 1.94
C ASN B 14 -19.82 29.98 1.84
N THR B 15 -20.56 30.91 2.44
CA THR B 15 -21.98 30.74 2.66
C THR B 15 -22.75 30.84 1.37
N ASP B 16 -22.15 31.32 0.28
CA ASP B 16 -22.90 31.34 -1.00
C ASP B 16 -22.74 30.02 -1.80
N ILE B 17 -21.85 29.11 -1.34
CA ILE B 17 -21.89 27.73 -1.81
C ILE B 17 -22.37 26.74 -0.73
N GLY B 18 -23.10 27.26 0.24
CA GLY B 18 -23.80 26.44 1.18
C GLY B 18 -23.11 26.04 2.46
N ASP B 19 -21.88 26.48 2.67
CA ASP B 19 -21.25 26.31 3.96
C ASP B 19 -22.09 26.92 4.99
N PRO B 20 -22.07 26.40 6.21
CA PRO B 20 -22.67 27.13 7.27
C PRO B 20 -21.69 28.26 7.57
N SER B 21 -22.09 29.16 8.46
CA SER B 21 -21.40 30.41 8.66
C SER B 21 -20.47 30.30 9.84
N TYR B 22 -19.73 29.20 9.89
CA TYR B 22 -18.69 28.98 10.88
C TYR B 22 -17.75 27.90 10.31
N PRO B 23 -16.51 27.86 10.77
CA PRO B 23 -15.63 26.76 10.45
C PRO B 23 -16.33 25.44 10.80
N HIS B 24 -16.12 24.37 10.06
CA HIS B 24 -16.99 23.22 10.21
C HIS B 24 -16.29 22.04 9.65
N ILE B 25 -16.73 20.87 10.06
CA ILE B 25 -16.33 19.67 9.42
C ILE B 25 -17.52 19.22 8.63
N GLY B 26 -17.27 18.57 7.50
CA GLY B 26 -18.39 18.18 6.62
C GLY B 26 -18.13 16.90 5.91
N ILE B 27 -19.20 16.18 5.60
CA ILE B 27 -19.07 15.02 4.72
C ILE B 27 -19.55 15.40 3.35
N ASP B 28 -18.68 15.21 2.38
CA ASP B 28 -18.94 15.57 1.01
C ASP B 28 -19.01 14.32 0.20
N ILE B 29 -20.17 14.12 -0.43
CA ILE B 29 -20.39 13.08 -1.39
C ILE B 29 -20.66 13.76 -2.71
N LYS B 30 -19.65 13.79 -3.58
CA LYS B 30 -19.77 14.20 -4.96
C LYS B 30 -20.17 15.71 -5.12
N SER B 31 -19.95 16.49 -4.08
CA SER B 31 -20.24 17.93 -4.12
C SER B 31 -19.48 18.55 -2.99
N VAL B 32 -19.00 19.78 -3.18
CA VAL B 32 -18.34 20.50 -2.08
C VAL B 32 -19.37 20.94 -1.06
N ARG B 33 -20.64 20.89 -1.47
CA ARG B 33 -21.69 21.27 -0.60
C ARG B 33 -22.01 20.04 0.24
N SER B 34 -21.45 20.05 1.44
CA SER B 34 -21.46 18.92 2.33
C SER B 34 -22.90 18.46 2.58
N LYS B 35 -23.10 17.15 2.60
CA LYS B 35 -24.36 16.53 2.94
C LYS B 35 -24.66 16.68 4.40
N LYS B 36 -23.60 16.81 5.18
CA LYS B 36 -23.74 17.06 6.59
C LYS B 36 -22.50 17.82 7.06
N THR B 37 -22.71 18.71 8.03
CA THR B 37 -21.64 19.51 8.64
C THR B 37 -21.89 19.54 10.11
N ALA B 38 -20.85 19.89 10.84
CA ALA B 38 -20.95 20.17 12.26
C ALA B 38 -19.99 21.30 12.41
N LYS B 39 -20.33 22.24 13.27
CA LYS B 39 -19.45 23.33 13.69
C LYS B 39 -18.13 22.81 14.23
N TRP B 40 -17.08 23.48 13.86
CA TRP B 40 -15.76 23.11 14.25
C TRP B 40 -14.99 24.36 14.62
N ASN B 41 -14.42 24.36 15.79
CA ASN B 41 -13.55 25.40 16.27
C ASN B 41 -12.12 24.94 16.00
N MET B 42 -11.59 25.35 14.85
CA MET B 42 -10.21 25.15 14.46
C MET B 42 -9.35 26.00 15.49
N GLN B 43 -8.37 25.36 16.15
CA GLN B 43 -7.52 25.97 17.14
C GLN B 43 -6.19 26.28 16.48
N ASN B 44 -5.99 27.57 16.19
CA ASN B 44 -4.88 28.07 15.36
C ASN B 44 -3.59 27.64 15.92
N GLY B 45 -2.74 27.04 15.12
CA GLY B 45 -1.45 26.63 15.61
C GLY B 45 -1.44 25.36 16.48
N LYS B 46 -2.57 24.73 16.77
CA LYS B 46 -2.53 23.49 17.52
C LYS B 46 -2.56 22.30 16.55
N VAL B 47 -2.07 21.16 16.99
CA VAL B 47 -2.13 19.96 16.20
C VAL B 47 -3.45 19.32 16.45
N GLY B 48 -4.17 19.07 15.37
CA GLY B 48 -5.45 18.42 15.45
C GLY B 48 -5.35 17.05 14.90
N THR B 49 -6.35 16.26 15.24
CA THR B 49 -6.50 14.94 14.69
C THR B 49 -7.86 14.75 14.12
N ALA B 50 -7.88 14.17 12.93
CA ALA B 50 -9.09 13.79 12.32
C ALA B 50 -9.14 12.29 12.20
N HIS B 51 -10.26 11.72 12.64
CA HIS B 51 -10.61 10.32 12.32
C HIS B 51 -11.82 10.16 11.45
N ILE B 52 -11.68 9.36 10.42
CA ILE B 52 -12.75 9.13 9.45
C ILE B 52 -12.94 7.62 9.47
N ILE B 53 -14.19 7.20 9.56
CA ILE B 53 -14.56 5.82 9.77
C ILE B 53 -15.74 5.55 8.88
N TYR B 54 -15.64 4.49 8.10
CA TYR B 54 -16.80 3.97 7.38
C TYR B 54 -16.83 2.45 7.44
N ASN B 55 -18.00 1.85 7.59
CA ASN B 55 -18.16 0.48 7.13
C ASN B 55 -19.44 0.22 6.35
N SER B 56 -19.37 -0.77 5.49
CA SER B 56 -20.44 -1.16 4.66
C SER B 56 -21.59 -1.79 5.42
N VAL B 57 -21.47 -1.97 6.74
CA VAL B 57 -22.52 -2.64 7.47
C VAL B 57 -23.46 -1.57 7.98
N GLY B 58 -22.93 -0.68 8.80
CA GLY B 58 -23.71 0.41 9.34
C GLY B 58 -23.99 1.50 8.33
N LYS B 59 -23.15 1.56 7.28
CA LYS B 59 -23.31 2.43 6.12
C LYS B 59 -23.42 3.89 6.62
N ARG B 60 -22.44 4.23 7.44
CA ARG B 60 -22.42 5.55 8.03
C ARG B 60 -21.00 6.03 7.97
N LEU B 61 -20.82 7.05 7.16
CA LEU B 61 -19.54 7.73 7.12
C LEU B 61 -19.45 8.69 8.28
N SER B 62 -18.44 8.51 9.12
CA SER B 62 -18.29 9.31 10.31
C SER B 62 -16.93 9.99 10.36
N ALA B 63 -16.92 11.18 10.96
CA ALA B 63 -15.66 11.87 11.20
C ALA B 63 -15.71 12.62 12.47
N VAL B 64 -14.57 12.63 13.15
CA VAL B 64 -14.36 13.45 14.34
C VAL B 64 -13.02 14.14 14.14
N VAL B 65 -12.97 15.39 14.60
CA VAL B 65 -11.78 16.19 14.56
C VAL B 65 -11.66 16.71 15.95
N SER B 66 -10.51 16.53 16.53
CA SER B 66 -10.29 16.89 17.92
C SER B 66 -8.93 17.58 18.04
N TYR B 67 -8.78 18.22 19.19
CA TYR B 67 -7.56 18.83 19.58
C TYR B 67 -7.26 18.29 20.94
N PRO B 68 -5.98 18.37 21.33
CA PRO B 68 -5.51 17.82 22.59
C PRO B 68 -6.28 18.32 23.83
N ASN B 69 -6.81 19.54 23.80
CA ASN B 69 -7.57 20.02 24.93
C ASN B 69 -8.92 19.30 25.08
N GLY B 70 -9.34 18.56 24.07
CA GLY B 70 -10.51 17.71 24.20
C GLY B 70 -11.66 18.18 23.39
N ASP B 71 -11.54 19.38 22.86
CA ASP B 71 -12.57 19.89 21.99
C ASP B 71 -12.68 19.08 20.73
N SER B 72 -13.91 18.87 20.30
CA SER B 72 -14.19 17.89 19.31
C SER B 72 -15.39 18.29 18.49
N ALA B 73 -15.37 17.90 17.23
CA ALA B 73 -16.47 18.09 16.37
C ALA B 73 -16.61 16.80 15.62
N THR B 74 -17.87 16.32 15.57
CA THR B 74 -18.24 15.08 14.88
C THR B 74 -19.34 15.28 13.90
N VAL B 75 -19.27 14.55 12.81
CA VAL B 75 -20.25 14.58 11.80
C VAL B 75 -20.35 13.16 11.32
N SER B 76 -21.58 12.75 11.03
CA SER B 76 -21.83 11.46 10.45
C SER B 76 -22.89 11.60 9.38
N TYR B 77 -22.79 10.79 8.35
CA TYR B 77 -23.76 10.78 7.26
C TYR B 77 -23.99 9.39 6.76
N ASP B 78 -25.25 9.02 6.78
CA ASP B 78 -25.69 7.72 6.35
C ASP B 78 -25.66 7.69 4.82
N VAL B 79 -24.85 6.80 4.30
CA VAL B 79 -24.60 6.71 2.89
C VAL B 79 -23.99 5.36 2.59
N ASP B 80 -24.46 4.76 1.51
CA ASP B 80 -23.95 3.51 1.05
C ASP B 80 -22.86 3.82 0.03
N LEU B 81 -21.59 3.78 0.42
CA LEU B 81 -20.54 4.20 -0.51
C LEU B 81 -20.39 3.27 -1.72
N ASP B 82 -20.94 2.05 -1.63
CA ASP B 82 -20.94 1.12 -2.78
C ASP B 82 -21.60 1.76 -3.97
N ASN B 83 -22.58 2.60 -3.66
CA ASN B 83 -23.34 3.33 -4.67
C ASN B 83 -22.75 4.66 -5.10
N VAL B 84 -21.65 5.07 -4.51
CA VAL B 84 -21.05 6.30 -4.91
C VAL B 84 -19.63 6.08 -5.47
N LEU B 85 -18.81 5.28 -4.82
CA LEU B 85 -17.45 5.13 -5.26
C LEU B 85 -17.28 4.05 -6.25
N PRO B 86 -16.30 4.21 -7.13
CA PRO B 86 -15.87 3.10 -7.93
C PRO B 86 -15.22 2.07 -7.00
N GLU B 87 -15.11 0.86 -7.52
CA GLU B 87 -14.60 -0.27 -6.78
C GLU B 87 -13.19 0.00 -6.31
N TRP B 88 -12.39 0.51 -7.23
CA TRP B 88 -11.05 0.95 -6.96
C TRP B 88 -10.95 2.46 -6.93
N VAL B 89 -10.17 2.92 -5.98
CA VAL B 89 -10.08 4.33 -5.69
C VAL B 89 -8.64 4.67 -5.39
N ARG B 90 -8.31 5.94 -5.25
CA ARG B 90 -7.14 6.31 -4.47
C ARG B 90 -7.64 7.14 -3.34
N VAL B 91 -6.84 7.15 -2.31
CA VAL B 91 -7.18 7.86 -1.09
C VAL B 91 -6.14 8.95 -0.94
N GLY B 92 -6.59 10.07 -0.41
CA GLY B 92 -5.70 11.17 -0.30
C GLY B 92 -6.09 12.20 0.70
N LEU B 93 -5.23 13.20 0.79
CA LEU B 93 -5.45 14.34 1.62
C LEU B 93 -5.28 15.53 0.66
N SER B 94 -6.10 16.54 0.85
CA SER B 94 -6.15 17.69 0.01
C SER B 94 -6.27 18.89 0.89
N ALA B 95 -5.76 20.00 0.44
CA ALA B 95 -6.07 21.24 1.09
C ALA B 95 -5.87 22.41 0.12
N SER B 96 -6.38 23.54 0.54
CA SER B 96 -6.29 24.72 -0.24
C SER B 96 -6.26 25.96 0.65
N THR B 97 -5.89 27.04 -0.03
CA THR B 97 -6.03 28.40 0.47
C THR B 97 -6.57 29.24 -0.71
N GLY B 98 -7.06 30.41 -0.39
CA GLY B 98 -7.70 31.26 -1.40
C GLY B 98 -7.21 32.66 -1.17
N LEU B 99 -8.15 33.59 -1.03
CA LEU B 99 -7.82 34.93 -0.58
C LEU B 99 -7.23 34.90 0.80
N TYR B 100 -7.87 34.17 1.73
CA TYR B 100 -7.24 33.90 3.00
C TYR B 100 -6.49 32.56 2.99
N LYS B 101 -5.63 32.41 3.98
CA LYS B 101 -4.68 31.34 4.00
C LYS B 101 -4.37 30.78 5.39
N GLU B 102 -3.72 29.63 5.34
CA GLU B 102 -3.29 28.92 6.48
C GLU B 102 -2.27 27.90 6.06
N THR B 103 -1.49 27.44 7.02
CA THR B 103 -0.67 26.29 6.77
C THR B 103 -1.60 25.10 6.76
N ASN B 104 -1.35 24.16 5.88
CA ASN B 104 -2.13 22.91 5.84
C ASN B 104 -1.18 21.73 5.97
N THR B 105 -0.62 21.63 7.14
CA THR B 105 0.48 20.76 7.44
C THR B 105 -0.10 19.46 7.99
N ILE B 106 0.34 18.36 7.42
CA ILE B 106 -0.03 17.04 7.90
C ILE B 106 1.18 16.45 8.56
N LEU B 107 0.98 16.09 9.80
CA LEU B 107 1.99 15.50 10.62
C LEU B 107 1.99 14.00 10.52
N SER B 108 0.81 13.46 10.25
CA SER B 108 0.70 12.06 10.11
C SER B 108 -0.61 11.71 9.42
N TRP B 109 -0.60 10.53 8.85
CA TRP B 109 -1.76 10.00 8.13
C TRP B 109 -1.68 8.47 8.15
N SER B 110 -2.75 7.85 8.60
CA SER B 110 -2.94 6.41 8.52
C SER B 110 -4.24 6.12 7.77
N PHE B 111 -4.29 4.96 7.12
CA PHE B 111 -5.47 4.50 6.41
C PHE B 111 -5.46 3.02 6.50
N THR B 112 -6.65 2.48 6.73
CA THR B 112 -6.90 1.08 6.62
C THR B 112 -8.15 0.84 5.83
N SER B 113 -8.07 -0.03 4.81
CA SER B 113 -9.23 -0.56 4.16
C SER B 113 -9.20 -2.05 4.31
N LYS B 114 -10.37 -2.63 4.59
CA LYS B 114 -10.49 -4.06 4.66
C LYS B 114 -11.70 -4.54 3.93
N LEU B 115 -11.54 -5.58 3.13
CA LEU B 115 -12.66 -6.34 2.55
C LEU B 115 -12.69 -7.69 3.22
N LYS B 116 -13.71 -7.92 4.01
CA LYS B 116 -13.81 -9.13 4.78
C LYS B 116 -14.93 -10.00 4.25
N SER B 117 -14.71 -11.30 4.49
CA SER B 117 -15.64 -12.44 4.38
C SER B 117 -16.12 -12.75 2.97
N ASN B 118 -17.31 -13.33 2.88
CA ASN B 118 -17.62 -14.44 1.99
C ASN B 118 -17.18 -15.79 2.69
N SER B 119 -16.78 -15.72 3.96
CA SER B 119 -16.05 -16.84 4.63
C SER B 119 -15.37 -16.44 5.97
N THR B 120 -14.81 -17.44 6.63
CA THR B 120 -13.94 -17.29 7.80
C THR B 120 -13.01 -16.08 7.72
N HIS B 121 -12.84 -15.36 8.85
CA HIS B 121 -12.16 -14.05 8.82
C HIS B 121 -10.77 -13.95 8.11
N GLU B 122 -10.82 -14.34 6.81
CA GLU B 122 -9.94 -13.93 5.67
C GLU B 122 -10.49 -12.69 4.89
N THR B 123 -9.58 -12.03 4.14
CA THR B 123 -9.61 -10.61 4.00
C THR B 123 -8.60 -10.16 2.93
N ASN B 124 -9.00 -9.13 2.16
CA ASN B 124 -8.07 -8.22 1.49
C ASN B 124 -8.01 -6.93 2.27
N ALA B 125 -6.81 -6.40 2.42
CA ALA B 125 -6.60 -5.25 3.32
C ALA B 125 -5.38 -4.48 2.86
N LEU B 126 -5.47 -3.19 3.09
CA LEU B 126 -4.37 -2.25 2.89
C LEU B 126 -4.35 -1.39 4.11
N HIS B 127 -3.20 -1.30 4.70
CA HIS B 127 -3.01 -0.34 5.77
C HIS B 127 -1.70 0.36 5.52
N PHE B 128 -1.74 1.67 5.62
CA PHE B 128 -0.50 2.36 5.72
C PHE B 128 -0.58 3.37 6.80
N VAL B 129 0.58 3.63 7.34
CA VAL B 129 0.77 4.74 8.21
C VAL B 129 2.05 5.50 7.98
N PHE B 130 1.87 6.80 7.93
CA PHE B 130 2.95 7.76 7.92
C PHE B 130 2.87 8.63 9.20
N ASN B 131 3.81 8.44 10.07
CA ASN B 131 3.98 9.30 11.21
C ASN B 131 5.05 10.30 10.99
N GLN B 132 5.85 10.05 9.96
CA GLN B 132 6.83 11.00 9.49
C GLN B 132 6.88 10.87 7.99
N PHE B 133 6.82 11.99 7.32
CA PHE B 133 6.97 11.98 5.91
C PHE B 133 8.43 12.27 5.57
N SER B 134 8.85 11.72 4.44
CA SER B 134 10.20 11.88 3.95
C SER B 134 10.20 12.84 2.83
N LYS B 135 11.35 13.48 2.69
CA LYS B 135 11.54 14.43 1.63
C LYS B 135 11.16 13.85 0.29
N ASP B 136 11.46 12.59 0.05
CA ASP B 136 11.09 11.99 -1.22
C ASP B 136 10.20 10.75 -0.93
N GLN B 137 8.91 11.01 -0.78
CA GLN B 137 8.00 10.04 -0.23
C GLN B 137 7.43 9.30 -1.41
N LYS B 138 8.11 8.22 -1.79
CA LYS B 138 7.86 7.54 -3.03
C LYS B 138 6.49 6.89 -3.09
N ASP B 139 5.93 6.57 -1.94
CA ASP B 139 4.59 5.96 -1.89
C ASP B 139 3.44 6.99 -1.73
N LEU B 140 3.77 8.25 -1.95
CA LEU B 140 2.77 9.27 -2.06
C LEU B 140 2.84 9.94 -3.43
N ILE B 141 1.69 10.12 -4.03
CA ILE B 141 1.58 10.92 -5.24
C ILE B 141 1.25 12.35 -4.78
N LEU B 142 2.23 13.23 -4.88
CA LEU B 142 2.03 14.64 -4.59
C LEU B 142 1.52 15.37 -5.82
N GLN B 143 0.44 16.10 -5.61
CA GLN B 143 -0.25 16.84 -6.66
C GLN B 143 -0.30 18.31 -6.29
N GLY B 144 -0.19 19.16 -7.31
CA GLY B 144 -0.15 20.60 -7.15
C GLY B 144 0.93 21.12 -6.23
N ASP B 145 0.54 21.87 -5.22
CA ASP B 145 1.54 22.49 -4.34
C ASP B 145 2.04 21.61 -3.19
N ALA B 146 1.54 20.39 -3.10
CA ALA B 146 1.90 19.53 -1.90
C ALA B 146 3.35 19.22 -1.94
N THR B 147 4.01 19.32 -0.82
CA THR B 147 5.38 18.87 -0.68
C THR B 147 5.56 18.11 0.61
N THR B 148 6.60 17.29 0.63
CA THR B 148 7.11 16.73 1.89
C THR B 148 8.45 17.33 2.12
N GLY B 149 8.79 17.47 3.39
CA GLY B 149 9.99 18.20 3.79
C GLY B 149 10.86 17.27 4.60
N THR B 150 11.90 17.85 5.17
CA THR B 150 12.77 17.17 6.12
C THR B 150 12.26 17.32 7.52
N ASP B 151 11.23 18.13 7.73
CA ASP B 151 10.67 18.26 9.06
C ASP B 151 9.72 17.07 9.39
N GLY B 152 9.56 16.12 8.48
CA GLY B 152 8.71 14.96 8.72
C GLY B 152 7.25 15.22 8.37
N ASN B 153 6.96 16.43 7.88
CA ASN B 153 5.61 16.81 7.58
C ASN B 153 5.28 16.83 6.09
N LEU B 154 3.99 16.74 5.82
CA LEU B 154 3.42 16.98 4.49
C LEU B 154 2.78 18.35 4.50
N GLU B 155 3.27 19.26 3.66
CA GLU B 155 2.70 20.57 3.50
C GLU B 155 1.81 20.49 2.32
N LEU B 156 0.52 20.40 2.57
CA LEU B 156 -0.42 20.24 1.44
C LEU B 156 -0.46 21.48 0.49
N THR B 157 -0.49 22.66 1.09
CA THR B 157 -0.43 23.91 0.35
C THR B 157 0.90 24.66 0.58
N ARG B 158 1.10 25.73 -0.19
CA ARG B 158 2.42 26.34 -0.27
C ARG B 158 2.74 27.07 1.02
N VAL B 159 3.99 26.91 1.42
CA VAL B 159 4.53 27.65 2.53
C VAL B 159 5.81 28.32 2.00
N SER B 160 6.04 29.55 2.44
CA SER B 160 7.25 30.30 2.03
C SER B 160 8.44 29.86 2.88
N SER B 161 9.63 30.22 2.42
CA SER B 161 10.91 29.94 3.14
C SER B 161 10.82 30.32 4.61
N ASN B 162 10.14 31.44 4.88
CA ASN B 162 9.93 31.92 6.25
C ASN B 162 8.65 31.37 6.88
N GLY B 163 8.25 30.15 6.45
CA GLY B 163 7.18 29.38 7.09
C GLY B 163 5.77 29.93 6.95
N SER B 164 5.62 31.00 6.18
CA SER B 164 4.36 31.67 6.04
C SER B 164 3.53 31.06 4.89
N PRO B 165 2.26 30.73 5.10
CA PRO B 165 1.43 30.08 4.10
C PRO B 165 1.02 31.03 2.97
N GLN B 166 0.89 30.50 1.77
CA GLN B 166 0.56 31.34 0.63
C GLN B 166 -0.89 31.12 0.22
N GLY B 167 -1.42 32.11 -0.50
CA GLY B 167 -2.77 32.10 -0.97
C GLY B 167 -2.89 31.41 -2.29
N SER B 168 -4.13 31.15 -2.65
CA SER B 168 -4.47 30.51 -3.87
C SER B 168 -3.58 29.30 -4.17
N SER B 169 -3.38 28.49 -3.11
CA SER B 169 -2.58 27.28 -3.17
C SER B 169 -3.57 26.11 -3.09
N VAL B 170 -3.24 25.04 -3.75
CA VAL B 170 -4.02 23.83 -3.63
C VAL B 170 -3.00 22.71 -3.71
N GLY B 171 -3.16 21.73 -2.83
CA GLY B 171 -2.25 20.63 -2.94
C GLY B 171 -2.86 19.37 -2.45
N ARG B 172 -2.40 18.26 -2.99
CA ARG B 172 -2.82 16.97 -2.47
C ARG B 172 -1.73 15.95 -2.41
N ALA B 173 -2.04 14.90 -1.66
CA ALA B 173 -1.16 13.73 -1.44
C ALA B 173 -2.08 12.50 -1.47
N LEU B 174 -1.80 11.62 -2.42
CA LEU B 174 -2.54 10.40 -2.57
C LEU B 174 -1.59 9.25 -2.30
N PHE B 175 -2.10 8.23 -1.66
CA PHE B 175 -1.34 7.04 -1.53
C PHE B 175 -1.18 6.42 -2.92
N TYR B 176 -0.01 5.90 -3.13
CA TYR B 176 0.42 5.53 -4.44
C TYR B 176 -0.40 4.39 -4.99
N ALA B 177 -0.71 3.44 -4.11
CA ALA B 177 -1.47 2.29 -4.57
C ALA B 177 -2.96 2.60 -4.61
N PRO B 178 -3.62 2.10 -5.63
CA PRO B 178 -5.05 2.12 -5.59
C PRO B 178 -5.53 1.16 -4.55
N VAL B 179 -6.76 1.39 -4.13
CA VAL B 179 -7.38 0.76 -2.98
C VAL B 179 -8.65 0.17 -3.46
N HIS B 180 -8.85 -1.10 -3.13
CA HIS B 180 -10.04 -1.78 -3.48
C HIS B 180 -11.01 -1.48 -2.37
N ILE B 181 -11.82 -0.47 -2.55
CA ILE B 181 -12.57 0.06 -1.42
C ILE B 181 -13.83 -0.73 -1.16
N TRP B 182 -14.35 -1.34 -2.21
CA TRP B 182 -15.49 -2.27 -2.07
C TRP B 182 -15.37 -3.32 -3.08
N GLU B 183 -16.12 -4.37 -2.83
CA GLU B 183 -16.12 -5.55 -3.66
C GLU B 183 -17.39 -6.26 -3.24
N SER B 184 -18.25 -6.52 -4.21
CA SER B 184 -19.64 -6.84 -3.88
C SER B 184 -19.81 -8.10 -3.06
N SER B 185 -18.90 -9.05 -3.15
CA SER B 185 -18.88 -10.21 -2.23
C SER B 185 -18.33 -9.96 -0.81
N ALA B 186 -17.81 -8.77 -0.57
CA ALA B 186 -17.28 -8.47 0.75
C ALA B 186 -18.54 -8.29 1.64
N VAL B 187 -18.57 -9.05 2.69
CA VAL B 187 -19.57 -8.89 3.74
C VAL B 187 -19.29 -7.60 4.52
N VAL B 188 -18.00 -7.25 4.65
CA VAL B 188 -17.67 -5.98 5.29
C VAL B 188 -16.60 -5.29 4.47
N ALA B 189 -16.86 -4.08 4.08
CA ALA B 189 -15.87 -3.27 3.41
C ALA B 189 -15.77 -2.07 4.35
N SER B 190 -14.70 -1.97 5.09
CA SER B 190 -14.59 -0.90 6.06
C SER B 190 -13.38 -0.10 5.65
N PHE B 191 -13.40 1.20 5.92
CA PHE B 191 -12.15 1.91 5.89
C PHE B 191 -12.12 2.87 7.07
N ASP B 192 -10.92 3.21 7.44
CA ASP B 192 -10.73 4.24 8.40
C ASP B 192 -9.45 4.96 8.11
N ALA B 193 -9.44 6.20 8.51
CA ALA B 193 -8.34 7.13 8.20
C ALA B 193 -8.21 8.05 9.35
N THR B 194 -6.97 8.41 9.64
CA THR B 194 -6.62 9.31 10.73
C THR B 194 -5.54 10.16 10.14
N PHE B 195 -5.65 11.45 10.34
CA PHE B 195 -4.53 12.34 10.09
C PHE B 195 -4.44 13.36 11.17
N THR B 196 -3.21 13.76 11.44
CA THR B 196 -2.98 14.82 12.32
C THR B 196 -2.45 15.93 11.44
N PHE B 197 -2.87 17.10 11.85
CA PHE B 197 -2.66 18.32 11.07
C PHE B 197 -2.42 19.51 11.96
N LEU B 198 -1.75 20.49 11.40
CA LEU B 198 -1.45 21.71 12.09
C LEU B 198 -1.85 22.82 11.13
N ILE B 199 -2.95 23.46 11.43
CA ILE B 199 -3.42 24.60 10.67
C ILE B 199 -3.03 25.82 11.49
N LYS B 200 -2.16 26.64 10.91
CA LYS B 200 -1.78 27.92 11.50
C LYS B 200 -1.98 29.02 10.49
N SER B 201 -2.49 30.13 10.96
CA SER B 201 -2.68 31.32 10.15
C SER B 201 -2.42 32.55 10.99
N SER B 202 -1.86 33.60 10.37
CA SER B 202 -1.92 34.93 10.98
C SER B 202 -2.86 35.81 10.16
N ASP B 203 -3.55 35.21 9.22
CA ASP B 203 -4.61 35.93 8.52
C ASP B 203 -5.69 36.34 9.48
N SER B 204 -6.47 37.35 9.11
CA SER B 204 -7.69 37.68 9.84
C SER B 204 -8.65 36.49 9.93
N HIS B 205 -8.58 35.62 8.95
CA HIS B 205 -9.36 34.41 8.92
C HIS B 205 -8.52 33.35 8.27
N PRO B 206 -8.43 32.17 8.87
CA PRO B 206 -7.80 31.03 8.17
C PRO B 206 -8.63 30.53 6.98
N ALA B 207 -7.99 30.03 5.93
CA ALA B 207 -8.70 29.34 4.90
C ALA B 207 -7.71 28.47 4.17
N ASP B 208 -8.12 27.42 3.46
CA ASP B 208 -9.52 27.07 3.24
C ASP B 208 -9.94 25.77 3.88
N GLY B 209 -8.99 24.91 4.18
CA GLY B 209 -9.29 23.71 4.90
C GLY B 209 -8.42 22.58 4.40
N ILE B 210 -8.66 21.44 5.05
CA ILE B 210 -8.02 20.19 4.70
C ILE B 210 -9.12 19.18 4.51
N ALA B 211 -8.93 18.29 3.58
CA ALA B 211 -9.84 17.14 3.51
C ALA B 211 -9.05 15.84 3.35
N PHE B 212 -9.63 14.79 3.90
CA PHE B 212 -9.33 13.43 3.49
C PHE B 212 -10.34 13.12 2.38
N PHE B 213 -9.89 12.48 1.33
CA PHE B 213 -10.81 12.18 0.27
C PHE B 213 -10.49 10.83 -0.32
N ILE B 214 -11.53 10.30 -0.97
CA ILE B 214 -11.44 9.10 -1.76
C ILE B 214 -11.93 9.51 -3.15
N SER B 215 -11.15 9.14 -4.15
CA SER B 215 -11.40 9.48 -5.50
C SER B 215 -11.18 8.31 -6.42
N ASN B 216 -11.65 8.44 -7.65
CA ASN B 216 -11.19 7.59 -8.74
C ASN B 216 -9.66 7.57 -8.78
N ILE B 217 -9.13 6.46 -9.26
CA ILE B 217 -7.70 6.19 -9.13
C ILE B 217 -6.90 7.26 -9.84
N ASP B 218 -7.39 7.67 -11.01
CA ASP B 218 -6.73 8.68 -11.79
C ASP B 218 -7.08 10.12 -11.40
N SER B 219 -7.56 10.37 -10.18
CA SER B 219 -7.97 11.70 -9.79
C SER B 219 -6.82 12.69 -9.82
N SER B 220 -7.05 13.90 -10.33
CA SER B 220 -6.07 14.96 -10.24
C SER B 220 -6.76 16.20 -9.76
N ILE B 221 -5.99 17.19 -9.36
CA ILE B 221 -6.61 18.44 -8.85
C ILE B 221 -7.48 19.06 -9.98
N PRO B 222 -8.78 19.28 -9.77
CA PRO B 222 -9.56 19.99 -10.82
C PRO B 222 -9.00 21.40 -11.00
N SER B 223 -8.88 21.85 -12.25
CA SER B 223 -8.37 23.20 -12.43
C SER B 223 -9.35 24.14 -11.75
N GLY B 224 -8.83 25.19 -11.14
CA GLY B 224 -9.66 26.18 -10.42
C GLY B 224 -10.22 25.73 -9.09
N SER B 225 -9.55 24.76 -8.44
CA SER B 225 -10.06 24.22 -7.21
C SER B 225 -9.34 24.73 -5.97
N THR B 226 -8.66 25.90 -6.10
CA THR B 226 -8.13 26.52 -4.91
C THR B 226 -9.30 27.05 -4.14
N GLY B 227 -9.00 27.56 -2.98
CA GLY B 227 -10.03 28.20 -2.24
C GLY B 227 -11.06 27.21 -1.76
N ARG B 228 -12.32 27.62 -1.85
CA ARG B 228 -13.40 26.93 -1.24
C ARG B 228 -13.66 25.50 -1.80
N LEU B 229 -13.04 25.14 -2.90
CA LEU B 229 -13.26 23.87 -3.56
C LEU B 229 -12.28 22.83 -3.10
N LEU B 230 -11.24 23.25 -2.39
CA LEU B 230 -10.45 22.40 -1.49
C LEU B 230 -9.63 21.42 -2.21
N GLY B 231 -9.31 21.77 -3.43
CA GLY B 231 -8.62 20.83 -4.32
C GLY B 231 -9.40 19.61 -4.75
N LEU B 232 -10.69 19.60 -4.46
CA LEU B 232 -11.49 18.39 -4.64
C LEU B 232 -12.45 18.41 -5.80
N PHE B 233 -13.04 19.59 -6.07
CA PHE B 233 -14.10 19.74 -7.06
C PHE B 233 -13.85 20.81 -8.15
N PRO B 234 -14.40 20.57 -9.36
CA PRO B 234 -14.23 21.48 -10.47
C PRO B 234 -15.07 22.69 -10.28
N ASP B 235 -16.03 22.62 -9.38
CA ASP B 235 -17.02 23.64 -9.21
C ASP B 235 -17.78 23.41 -7.92
N ALA B 236 -18.72 24.31 -7.65
CA ALA B 236 -19.38 24.35 -6.38
C ALA B 236 -20.77 23.75 -6.45
N ASN B 237 -21.06 23.00 -7.51
CA ASN B 237 -22.40 22.43 -7.62
C ASN B 237 -22.70 21.39 -6.54
#